data_4G41
#
_entry.id   4G41
#
_cell.length_a   49.735
_cell.length_b   72.345
_cell.length_c   116.246
_cell.angle_alpha   90.00
_cell.angle_beta   90.00
_cell.angle_gamma   90.00
#
_symmetry.space_group_name_H-M   'P 21 21 21'
#
loop_
_entity.id
_entity.type
_entity.pdbx_description
1 polymer 'MTA/SAH nucleosidase'
2 non-polymer "5'-DEOXY-5'-METHYLTHIOADENOSINE"
3 water water
#
_entity_poly.entity_id   1
_entity_poly.type   'polypeptide(L)'
_entity_poly.pdbx_seq_one_letter_code
;GAMGSMKIGIIAAMEEELSLLLANLLDAQEHQVLSKTYYTGRFGKHELILVQSGVGKVMSAMTVAILVEHFKAQAIINTG
SAGAVASHLAIGDVVVADRLVYHDVDATAFGYAYGQMAGQPLYYDCDPQFVAIFKQVLKHEKTNGQVGLIATGDSFVAGQ
DKIDQIKTAFSNVLAVEMEGAAIAQAAHTAGKPFIVVRAMSDTAAHDANITFDQFIIEAGKRSAQILMTFLENLPV
;
_entity_poly.pdbx_strand_id   A,B
#
loop_
_chem_comp.id
_chem_comp.type
_chem_comp.name
_chem_comp.formula
MTA non-polymer 5'-DEOXY-5'-METHYLTHIOADENOSINE 'C11 H15 N5 O3 S'
#
# COMPACT_ATOMS: atom_id res chain seq x y z
N GLY A 1 -28.53 -18.93 -14.00
CA GLY A 1 -27.50 -17.91 -14.36
C GLY A 1 -27.75 -16.49 -13.86
N ALA A 2 -26.64 -15.75 -13.65
CA ALA A 2 -26.62 -14.47 -12.95
C ALA A 2 -25.58 -13.48 -13.56
N MET A 3 -24.49 -13.21 -12.85
CA MET A 3 -23.38 -12.38 -13.44
C MET A 3 -22.59 -13.05 -14.58
N GLY A 4 -22.76 -14.37 -14.78
CA GLY A 4 -21.97 -15.12 -15.80
C GLY A 4 -20.50 -15.36 -15.38
N SER A 5 -19.66 -15.69 -16.38
CA SER A 5 -18.22 -15.74 -16.20
C SER A 5 -17.67 -14.46 -15.52
N MET A 6 -16.89 -14.68 -14.42
CA MET A 6 -16.38 -13.58 -13.53
C MET A 6 -14.94 -13.57 -13.87
N LYS A 7 -14.43 -12.36 -14.09
CA LYS A 7 -13.03 -12.22 -14.15
C LYS A 7 -12.42 -12.08 -12.73
N ILE A 8 -11.62 -13.11 -12.41
CA ILE A 8 -11.13 -13.19 -11.05
C ILE A 8 -9.60 -13.04 -11.06
N GLY A 9 -9.08 -12.08 -10.24
CA GLY A 9 -7.63 -11.95 -10.05
C GLY A 9 -7.16 -12.78 -8.86
N ILE A 10 -6.13 -13.60 -9.03
CA ILE A 10 -5.67 -14.49 -7.98
C ILE A 10 -4.23 -14.01 -7.73
N ILE A 11 -4.01 -13.61 -6.46
CA ILE A 11 -2.67 -13.13 -5.96
C ILE A 11 -2.17 -14.27 -5.12
N ALA A 12 -1.23 -15.10 -5.66
CA ALA A 12 -0.81 -16.29 -5.00
C ALA A 12 0.61 -16.09 -4.52
N ALA A 13 0.83 -16.24 -3.19
CA ALA A 13 2.16 -16.06 -2.70
C ALA A 13 3.03 -17.29 -2.84
N MET A 14 2.46 -18.51 -2.99
CA MET A 14 3.31 -19.73 -2.99
C MET A 14 3.60 -20.03 -4.47
N GLU A 15 4.89 -20.14 -4.82
CA GLU A 15 5.24 -20.34 -6.22
C GLU A 15 4.72 -21.70 -6.72
N GLU A 16 4.59 -22.75 -5.89
CA GLU A 16 4.03 -24.06 -6.39
C GLU A 16 2.55 -23.94 -6.58
N GLU A 17 1.83 -23.03 -5.89
CA GLU A 17 0.45 -22.83 -6.22
C GLU A 17 0.36 -22.12 -7.51
N LEU A 18 1.10 -21.02 -7.71
CA LEU A 18 1.01 -20.28 -8.98
C LEU A 18 1.37 -21.22 -10.17
N SER A 19 2.40 -22.03 -10.07
CA SER A 19 2.75 -22.87 -11.26
C SER A 19 1.64 -23.90 -11.57
N LEU A 20 1.04 -24.46 -10.56
CA LEU A 20 -0.06 -25.45 -10.75
C LEU A 20 -1.28 -24.76 -11.35
N LEU A 21 -1.66 -23.55 -10.89
CA LEU A 21 -2.75 -22.83 -11.48
C LEU A 21 -2.42 -22.50 -12.93
N LEU A 22 -1.22 -22.01 -13.21
CA LEU A 22 -0.89 -21.64 -14.59
C LEU A 22 -0.98 -22.90 -15.55
N ALA A 23 -0.53 -24.03 -15.01
CA ALA A 23 -0.59 -25.31 -15.77
C ALA A 23 -2.00 -25.67 -16.11
N ASN A 24 -2.99 -25.20 -15.32
CA ASN A 24 -4.39 -25.44 -15.65
C ASN A 24 -5.11 -24.35 -16.48
N LEU A 25 -4.42 -23.27 -16.89
CA LEU A 25 -5.15 -22.23 -17.62
C LEU A 25 -5.26 -22.54 -19.07
N LEU A 26 -6.48 -22.46 -19.63
N LEU A 26 -6.45 -22.44 -19.59
CA LEU A 26 -6.73 -22.48 -21.08
CA LEU A 26 -6.68 -22.74 -20.94
C LEU A 26 -6.31 -21.16 -21.73
C LEU A 26 -6.44 -21.32 -21.75
N ASP A 27 -5.71 -21.24 -22.90
CA ASP A 27 -5.37 -20.02 -23.65
C ASP A 27 -4.50 -19.05 -22.78
N ALA A 28 -3.58 -19.67 -22.03
CA ALA A 28 -2.66 -18.91 -21.10
C ALA A 28 -1.93 -17.85 -21.90
N GLN A 29 -1.96 -16.60 -21.45
CA GLN A 29 -1.10 -15.57 -22.05
C GLN A 29 -0.35 -14.83 -20.93
N GLU A 30 0.89 -14.51 -21.23
CA GLU A 30 1.76 -13.72 -20.32
C GLU A 30 1.74 -12.22 -20.66
N HIS A 31 1.75 -11.37 -19.61
CA HIS A 31 1.70 -9.93 -19.77
C HIS A 31 2.62 -9.27 -18.79
N GLN A 32 3.31 -8.21 -19.20
CA GLN A 32 4.10 -7.37 -18.23
C GLN A 32 3.43 -6.08 -18.03
N VAL A 33 3.15 -5.68 -16.75
CA VAL A 33 2.54 -4.39 -16.46
C VAL A 33 3.27 -3.85 -15.22
N LEU A 34 3.74 -2.61 -15.34
CA LEU A 34 4.59 -1.96 -14.30
C LEU A 34 5.68 -2.87 -13.83
N SER A 35 6.27 -3.59 -14.78
CA SER A 35 7.40 -4.49 -14.47
CA SER A 35 7.37 -4.53 -14.57
C SER A 35 7.08 -5.78 -13.78
N LYS A 36 5.77 -6.12 -13.65
CA LYS A 36 5.44 -7.37 -13.02
C LYS A 36 4.70 -8.28 -14.03
N THR A 37 4.83 -9.60 -13.86
CA THR A 37 4.27 -10.59 -14.80
C THR A 37 2.87 -11.11 -14.36
N TYR A 38 1.91 -11.02 -15.27
CA TYR A 38 0.56 -11.53 -15.02
C TYR A 38 0.26 -12.56 -16.10
N TYR A 39 -0.58 -13.53 -15.76
CA TYR A 39 -1.07 -14.57 -16.69
C TYR A 39 -2.52 -14.52 -16.75
N THR A 40 -3.03 -14.48 -18.00
CA THR A 40 -4.46 -14.50 -18.20
C THR A 40 -4.90 -15.80 -18.89
N GLY A 41 -6.09 -16.29 -18.61
CA GLY A 41 -6.60 -17.44 -19.35
C GLY A 41 -7.85 -17.86 -18.68
N ARG A 42 -8.36 -19.04 -19.07
CA ARG A 42 -9.64 -19.52 -18.53
C ARG A 42 -9.48 -20.78 -17.73
N PHE A 43 -10.32 -20.91 -16.72
CA PHE A 43 -10.41 -22.13 -15.95
C PHE A 43 -11.84 -22.36 -15.55
N GLY A 44 -12.35 -23.57 -15.90
CA GLY A 44 -13.80 -23.87 -15.70
C GLY A 44 -14.65 -22.79 -16.33
N LYS A 45 -15.57 -22.24 -15.53
CA LYS A 45 -16.50 -21.25 -16.09
C LYS A 45 -16.04 -19.80 -16.07
N HIS A 46 -14.80 -19.57 -15.57
CA HIS A 46 -14.25 -18.21 -15.33
C HIS A 46 -13.03 -17.84 -16.06
N GLU A 47 -12.80 -16.56 -16.20
CA GLU A 47 -11.53 -16.02 -16.72
C GLU A 47 -10.71 -15.67 -15.49
N LEU A 48 -9.42 -15.97 -15.54
CA LEU A 48 -8.56 -15.73 -14.37
C LEU A 48 -7.44 -14.80 -14.85
N ILE A 49 -6.91 -14.05 -13.87
CA ILE A 49 -5.59 -13.41 -13.98
C ILE A 49 -4.78 -13.82 -12.79
N LEU A 50 -3.65 -14.45 -13.07
CA LEU A 50 -2.79 -14.98 -11.96
C LEU A 50 -1.57 -14.11 -11.86
N VAL A 51 -1.13 -13.88 -10.63
CA VAL A 51 0.08 -13.12 -10.40
C VAL A 51 0.72 -13.59 -9.09
N GLN A 52 2.07 -13.64 -9.06
CA GLN A 52 2.77 -13.89 -7.80
C GLN A 52 2.63 -12.72 -6.87
N SER A 53 2.29 -13.03 -5.64
CA SER A 53 2.23 -11.92 -4.67
C SER A 53 3.66 -11.35 -4.45
N GLY A 54 3.64 -10.01 -4.35
CA GLY A 54 4.74 -9.21 -3.75
C GLY A 54 4.62 -9.29 -2.23
N VAL A 55 5.49 -8.52 -1.58
CA VAL A 55 5.58 -8.51 -0.11
C VAL A 55 5.18 -7.13 0.40
N GLY A 56 4.29 -7.11 1.40
CA GLY A 56 3.99 -5.87 2.04
C GLY A 56 2.82 -5.10 1.50
N LYS A 57 2.55 -3.95 2.10
CA LYS A 57 1.31 -3.21 1.79
C LYS A 57 1.35 -2.56 0.40
N VAL A 58 2.46 -1.89 0.08
CA VAL A 58 2.52 -1.13 -1.18
C VAL A 58 2.46 -2.13 -2.35
N MET A 59 3.19 -3.20 -2.38
CA MET A 59 3.14 -4.07 -3.58
C MET A 59 1.77 -4.71 -3.68
N SER A 60 1.12 -5.03 -2.55
CA SER A 60 -0.27 -5.59 -2.56
C SER A 60 -1.22 -4.57 -3.16
N ALA A 61 -1.06 -3.30 -2.75
CA ALA A 61 -2.06 -2.26 -3.21
C ALA A 61 -1.86 -2.05 -4.73
N MET A 62 -0.60 -2.04 -5.20
CA MET A 62 -0.38 -1.90 -6.68
C MET A 62 -0.98 -3.07 -7.42
N THR A 63 -0.79 -4.28 -6.93
CA THR A 63 -1.32 -5.46 -7.61
C THR A 63 -2.82 -5.39 -7.70
N VAL A 64 -3.54 -5.01 -6.65
CA VAL A 64 -4.97 -4.95 -6.77
C VAL A 64 -5.35 -3.83 -7.74
N ALA A 65 -4.68 -2.69 -7.65
CA ALA A 65 -5.05 -1.60 -8.59
C ALA A 65 -4.89 -2.03 -10.05
N ILE A 66 -3.80 -2.73 -10.34
CA ILE A 66 -3.54 -3.17 -11.73
C ILE A 66 -4.50 -4.30 -12.13
N LEU A 67 -4.82 -5.24 -11.23
CA LEU A 67 -5.76 -6.30 -11.59
C LEU A 67 -7.06 -5.68 -11.95
N VAL A 68 -7.55 -4.71 -11.17
CA VAL A 68 -8.86 -4.13 -11.44
C VAL A 68 -8.80 -3.16 -12.65
N GLU A 69 -7.84 -2.23 -12.68
CA GLU A 69 -7.86 -1.25 -13.84
C GLU A 69 -7.40 -1.84 -15.11
N HIS A 70 -6.28 -2.52 -15.15
CA HIS A 70 -5.73 -2.96 -16.38
C HIS A 70 -6.46 -4.22 -16.83
N PHE A 71 -6.62 -5.20 -15.94
CA PHE A 71 -7.12 -6.50 -16.38
C PHE A 71 -8.64 -6.61 -16.13
N LYS A 72 -9.30 -5.62 -15.57
CA LYS A 72 -10.75 -5.61 -15.38
C LYS A 72 -11.18 -6.80 -14.51
N ALA A 73 -10.35 -7.13 -13.49
CA ALA A 73 -10.81 -8.11 -12.44
C ALA A 73 -12.08 -7.61 -11.75
N GLN A 74 -12.98 -8.54 -11.47
CA GLN A 74 -14.18 -8.25 -10.77
C GLN A 74 -14.19 -8.81 -9.36
N ALA A 75 -13.09 -9.52 -8.98
CA ALA A 75 -12.96 -10.14 -7.65
C ALA A 75 -11.51 -10.41 -7.44
N ILE A 76 -11.12 -10.45 -6.14
CA ILE A 76 -9.69 -10.67 -5.78
C ILE A 76 -9.60 -11.78 -4.75
N ILE A 77 -8.74 -12.78 -5.08
CA ILE A 77 -8.47 -13.91 -4.15
C ILE A 77 -7.00 -13.89 -3.82
N ASN A 78 -6.66 -13.91 -2.53
CA ASN A 78 -5.25 -13.93 -2.13
C ASN A 78 -4.99 -15.11 -1.22
N THR A 79 -4.04 -15.95 -1.66
CA THR A 79 -3.69 -17.18 -0.92
C THR A 79 -2.20 -17.14 -0.52
N GLY A 80 -1.89 -17.88 0.53
CA GLY A 80 -0.49 -18.05 0.95
C GLY A 80 -0.43 -18.93 2.17
N SER A 81 0.66 -18.79 2.93
CA SER A 81 0.80 -19.52 4.18
C SER A 81 1.30 -18.55 5.22
N ALA A 82 1.03 -18.92 6.48
CA ALA A 82 1.48 -18.10 7.61
C ALA A 82 1.42 -18.95 8.87
N GLY A 83 2.27 -18.58 9.84
CA GLY A 83 2.23 -19.33 11.11
C GLY A 83 0.93 -19.06 11.89
N ALA A 84 0.41 -20.06 12.61
CA ALA A 84 -0.72 -19.77 13.50
C ALA A 84 -0.31 -18.94 14.67
N VAL A 85 -1.23 -18.09 15.17
CA VAL A 85 -1.01 -17.43 16.44
C VAL A 85 -2.05 -17.86 17.48
N ALA A 86 -3.17 -18.40 17.04
CA ALA A 86 -4.17 -19.00 17.95
C ALA A 86 -3.70 -20.41 18.23
N SER A 87 -3.93 -20.81 19.49
CA SER A 87 -3.34 -22.01 20.01
C SER A 87 -3.85 -23.28 19.45
N HIS A 88 -5.10 -23.29 19.00
CA HIS A 88 -5.73 -24.53 18.70
C HIS A 88 -5.51 -25.00 17.30
N LEU A 89 -4.87 -24.17 16.46
CA LEU A 89 -4.64 -24.49 15.02
C LEU A 89 -3.46 -25.45 14.82
N ALA A 90 -3.59 -26.39 13.88
CA ALA A 90 -2.54 -27.40 13.57
C ALA A 90 -1.85 -27.05 12.27
N ILE A 91 -0.63 -27.53 12.08
CA ILE A 91 0.09 -27.37 10.87
C ILE A 91 -0.77 -27.91 9.75
N GLY A 92 -0.83 -27.12 8.68
CA GLY A 92 -1.58 -27.52 7.47
C GLY A 92 -3.05 -27.16 7.52
N ASP A 93 -3.61 -26.76 8.67
CA ASP A 93 -4.99 -26.25 8.70
C ASP A 93 -5.11 -25.02 7.82
N VAL A 94 -6.28 -24.84 7.24
CA VAL A 94 -6.51 -23.64 6.39
C VAL A 94 -7.38 -22.61 7.12
N VAL A 95 -6.81 -21.40 7.25
CA VAL A 95 -7.61 -20.26 7.81
C VAL A 95 -8.21 -19.49 6.61
N VAL A 96 -9.56 -19.45 6.64
CA VAL A 96 -10.33 -18.67 5.63
C VAL A 96 -10.64 -17.38 6.40
N ALA A 97 -10.01 -16.27 6.02
CA ALA A 97 -10.32 -15.05 6.76
C ALA A 97 -11.77 -14.57 6.42
N ASP A 98 -12.52 -14.18 7.45
CA ASP A 98 -13.75 -13.44 7.12
C ASP A 98 -13.51 -11.92 7.33
N ARG A 99 -12.50 -11.55 8.12
CA ARG A 99 -12.18 -10.14 8.43
C ARG A 99 -10.70 -10.04 8.42
N LEU A 100 -10.24 -8.84 7.99
CA LEU A 100 -8.80 -8.47 8.12
C LEU A 100 -8.64 -7.21 8.92
N VAL A 101 -7.58 -7.10 9.66
CA VAL A 101 -7.29 -5.86 10.37
C VAL A 101 -5.77 -5.59 10.30
N TYR A 102 -5.38 -4.31 10.44
CA TYR A 102 -3.93 -4.00 10.59
C TYR A 102 -3.56 -4.06 12.03
N HIS A 103 -2.40 -4.64 12.31
CA HIS A 103 -1.88 -4.65 13.68
C HIS A 103 -0.92 -3.52 13.93
N ASP A 104 -0.49 -2.79 12.89
CA ASP A 104 0.62 -1.87 12.97
C ASP A 104 0.23 -0.42 12.71
N VAL A 105 -1.08 -0.14 12.68
CA VAL A 105 -1.53 1.23 12.29
C VAL A 105 -1.92 1.96 13.58
N ASP A 106 -1.38 3.15 13.79
CA ASP A 106 -1.74 3.95 14.97
C ASP A 106 -2.03 5.38 14.48
N ALA A 107 -3.34 5.70 14.38
CA ALA A 107 -3.84 7.07 14.18
C ALA A 107 -4.74 7.38 15.38
N THR A 108 -4.36 6.81 16.52
CA THR A 108 -5.24 6.95 17.70
C THR A 108 -5.36 8.37 18.24
N ALA A 109 -4.37 9.24 17.95
CA ALA A 109 -4.44 10.64 18.45
C ALA A 109 -5.64 11.32 17.90
N PHE A 110 -6.11 10.91 16.70
CA PHE A 110 -7.29 11.53 16.09
C PHE A 110 -8.59 10.92 16.62
N GLY A 111 -8.47 9.88 17.44
CA GLY A 111 -9.66 9.20 18.03
C GLY A 111 -10.04 7.87 17.38
N TYR A 112 -9.29 7.45 16.35
CA TYR A 112 -9.49 6.14 15.79
C TYR A 112 -9.12 5.05 16.76
N ALA A 113 -9.69 3.87 16.56
CA ALA A 113 -9.27 2.70 17.36
C ALA A 113 -7.82 2.32 16.97
N TYR A 114 -7.07 1.69 17.87
CA TYR A 114 -5.76 1.21 17.41
C TYR A 114 -6.02 0.20 16.27
N GLY A 115 -5.16 0.32 15.24
CA GLY A 115 -5.24 -0.56 14.10
C GLY A 115 -6.03 0.01 12.93
N GLN A 116 -6.87 1.06 13.21
CA GLN A 116 -7.74 1.64 12.21
C GLN A 116 -7.13 2.77 11.42
N MET A 117 -7.02 2.51 10.12
CA MET A 117 -6.49 3.54 9.24
C MET A 117 -7.41 4.74 9.12
N ALA A 118 -6.84 5.95 9.01
CA ALA A 118 -7.69 7.13 8.83
C ALA A 118 -8.54 6.94 7.58
N GLY A 119 -9.81 7.22 7.69
CA GLY A 119 -10.76 7.13 6.60
C GLY A 119 -11.22 5.71 6.27
N GLN A 120 -10.90 4.75 7.13
CA GLN A 120 -11.27 3.33 6.87
C GLN A 120 -11.95 2.74 8.06
N PRO A 121 -12.67 1.63 7.82
CA PRO A 121 -13.14 0.84 8.97
C PRO A 121 -11.97 0.20 9.71
N LEU A 122 -12.12 -0.18 10.97
CA LEU A 122 -11.07 -0.97 11.61
C LEU A 122 -10.98 -2.35 10.98
N TYR A 123 -12.07 -2.98 10.65
CA TYR A 123 -12.00 -4.35 10.03
C TYR A 123 -12.54 -4.29 8.68
N TYR A 124 -11.87 -5.02 7.74
CA TYR A 124 -12.35 -5.15 6.39
C TYR A 124 -13.05 -6.51 6.22
N ASP A 125 -14.09 -6.55 5.40
CA ASP A 125 -14.95 -7.72 5.32
C ASP A 125 -14.77 -8.48 4.02
N CYS A 126 -14.29 -9.75 4.16
CA CYS A 126 -14.23 -10.61 2.97
C CYS A 126 -15.66 -10.91 2.48
N ASP A 127 -15.78 -11.20 1.22
CA ASP A 127 -17.11 -11.39 0.67
C ASP A 127 -17.77 -12.59 1.37
N PRO A 128 -19.00 -12.39 1.90
CA PRO A 128 -19.66 -13.52 2.61
C PRO A 128 -19.93 -14.73 1.78
N GLN A 129 -20.30 -14.59 0.52
CA GLN A 129 -20.42 -15.79 -0.32
C GLN A 129 -19.11 -16.51 -0.52
N PHE A 130 -18.04 -15.77 -0.84
CA PHE A 130 -16.72 -16.43 -1.03
C PHE A 130 -16.37 -17.17 0.28
N VAL A 131 -16.57 -16.56 1.46
CA VAL A 131 -16.21 -17.21 2.73
C VAL A 131 -17.04 -18.55 2.86
N ALA A 132 -18.36 -18.46 2.60
CA ALA A 132 -19.19 -19.68 2.74
C ALA A 132 -18.76 -20.75 1.77
N ILE A 133 -18.52 -20.43 0.50
CA ILE A 133 -18.17 -21.37 -0.50
C ILE A 133 -16.81 -22.00 -0.13
N PHE A 134 -15.80 -21.16 0.25
CA PHE A 134 -14.54 -21.79 0.66
C PHE A 134 -14.69 -22.71 1.88
N LYS A 135 -15.43 -22.28 2.89
CA LYS A 135 -15.63 -23.11 4.07
C LYS A 135 -16.25 -24.42 3.58
N GLN A 136 -17.18 -24.36 2.62
CA GLN A 136 -17.79 -25.61 2.15
C GLN A 136 -16.80 -26.50 1.39
N VAL A 137 -15.90 -25.95 0.56
CA VAL A 137 -14.89 -26.74 -0.13
C VAL A 137 -14.10 -27.51 0.92
N LEU A 138 -13.62 -26.83 1.98
CA LEU A 138 -12.83 -27.47 3.05
C LEU A 138 -13.61 -28.63 3.67
N LYS A 139 -14.86 -28.37 4.01
CA LYS A 139 -15.77 -29.42 4.55
C LYS A 139 -15.90 -30.56 3.57
N HIS A 140 -16.23 -30.28 2.31
CA HIS A 140 -16.42 -31.37 1.32
C HIS A 140 -15.17 -32.21 1.13
N GLU A 141 -13.98 -31.58 1.11
CA GLU A 141 -12.66 -32.24 0.86
C GLU A 141 -12.15 -32.85 2.18
N LYS A 142 -12.90 -32.74 3.29
CA LYS A 142 -12.46 -33.16 4.67
C LYS A 142 -11.03 -32.61 5.00
N THR A 143 -10.87 -31.30 4.77
CA THR A 143 -9.62 -30.62 5.03
C THR A 143 -9.94 -29.74 6.26
N ASN A 144 -9.10 -29.75 7.29
CA ASN A 144 -9.37 -29.00 8.52
C ASN A 144 -9.15 -27.50 8.27
N GLY A 145 -10.06 -26.73 8.78
CA GLY A 145 -9.86 -25.29 8.62
C GLY A 145 -10.86 -24.55 9.46
N GLN A 146 -10.69 -23.24 9.51
CA GLN A 146 -11.43 -22.38 10.41
C GLN A 146 -11.59 -21.05 9.70
N VAL A 147 -12.69 -20.39 9.97
CA VAL A 147 -12.97 -19.01 9.49
C VAL A 147 -12.67 -18.08 10.62
N GLY A 148 -11.94 -17.00 10.34
CA GLY A 148 -11.80 -15.98 11.36
C GLY A 148 -10.84 -14.84 10.93
N LEU A 149 -10.23 -14.21 11.91
CA LEU A 149 -9.52 -12.93 11.72
C LEU A 149 -8.04 -13.17 11.41
N ILE A 150 -7.55 -12.44 10.42
CA ILE A 150 -6.13 -12.34 10.12
C ILE A 150 -5.70 -10.89 10.29
N ALA A 151 -4.56 -10.69 10.98
CA ALA A 151 -3.98 -9.36 11.19
C ALA A 151 -2.71 -9.18 10.40
N THR A 152 -2.59 -8.00 9.81
CA THR A 152 -1.48 -7.71 8.83
C THR A 152 -0.64 -6.52 9.25
N GLY A 153 0.66 -6.54 9.00
CA GLY A 153 1.44 -5.38 9.15
C GLY A 153 2.63 -5.47 8.24
N ASP A 154 3.32 -4.35 8.03
CA ASP A 154 4.49 -4.25 7.12
C ASP A 154 5.78 -4.66 7.85
N SER A 155 5.68 -5.69 8.69
CA SER A 155 6.83 -6.27 9.43
C SER A 155 6.65 -7.73 9.47
N PHE A 156 7.77 -8.49 9.51
CA PHE A 156 7.71 -9.90 9.89
C PHE A 156 7.94 -9.96 11.42
N VAL A 157 6.92 -10.38 12.14
CA VAL A 157 6.96 -10.33 13.63
C VAL A 157 7.38 -11.70 14.16
N ALA A 158 8.65 -11.71 14.56
CA ALA A 158 9.33 -12.95 14.97
C ALA A 158 9.33 -13.04 16.47
N GLY A 159 9.32 -11.93 17.21
CA GLY A 159 9.41 -12.06 18.68
C GLY A 159 8.08 -12.44 19.29
N GLN A 160 8.07 -13.44 20.18
CA GLN A 160 6.84 -13.88 20.80
C GLN A 160 6.19 -12.78 21.67
N ASP A 161 7.01 -11.90 22.27
CA ASP A 161 6.42 -10.86 23.06
C ASP A 161 5.57 -9.94 22.16
N LYS A 162 6.09 -9.62 20.95
CA LYS A 162 5.30 -8.80 20.03
C LYS A 162 4.05 -9.56 19.54
N ILE A 163 4.13 -10.86 19.32
CA ILE A 163 2.93 -11.65 18.96
C ILE A 163 1.92 -11.54 20.08
N ASP A 164 2.38 -11.70 21.34
CA ASP A 164 1.41 -11.65 22.47
C ASP A 164 0.77 -10.28 22.54
N GLN A 165 1.53 -9.21 22.26
CA GLN A 165 0.92 -7.89 22.17
C GLN A 165 -0.16 -7.72 21.11
N ILE A 166 0.05 -8.36 19.98
CA ILE A 166 -0.96 -8.30 18.94
C ILE A 166 -2.19 -9.10 19.39
N LYS A 167 -1.98 -10.28 20.01
CA LYS A 167 -3.12 -11.05 20.50
C LYS A 167 -3.91 -10.27 21.60
N THR A 168 -3.20 -9.54 22.49
CA THR A 168 -3.86 -8.70 23.53
C THR A 168 -4.73 -7.65 22.81
N ALA A 169 -4.22 -7.09 21.71
CA ALA A 169 -4.94 -6.06 21.04
C ALA A 169 -6.10 -6.51 20.21
N PHE A 170 -6.00 -7.73 19.67
CA PHE A 170 -7.00 -8.30 18.76
C PHE A 170 -7.29 -9.73 19.16
N SER A 171 -8.20 -9.91 20.16
CA SER A 171 -8.24 -11.16 20.90
C SER A 171 -8.46 -12.45 20.08
N ASN A 172 -9.15 -12.34 18.98
N ASN A 172 -9.23 -12.43 19.01
CA ASN A 172 -9.54 -13.56 18.29
CA ASN A 172 -9.37 -13.73 18.34
C ASN A 172 -8.59 -13.82 17.10
C ASN A 172 -8.68 -13.68 16.98
N VAL A 173 -7.54 -12.99 16.95
CA VAL A 173 -6.63 -13.19 15.77
C VAL A 173 -6.17 -14.62 15.59
N LEU A 174 -6.25 -15.14 14.35
CA LEU A 174 -5.81 -16.54 14.16
C LEU A 174 -4.40 -16.60 13.63
N ALA A 175 -4.00 -15.59 12.81
CA ALA A 175 -2.69 -15.60 12.17
C ALA A 175 -2.33 -14.17 11.80
N VAL A 176 -1.01 -13.95 11.66
CA VAL A 176 -0.47 -12.60 11.43
C VAL A 176 0.44 -12.69 10.20
N GLU A 177 0.32 -11.75 9.26
CA GLU A 177 1.13 -11.87 8.04
C GLU A 177 1.29 -10.44 7.46
N MET A 178 1.71 -10.28 6.21
CA MET A 178 2.20 -8.99 5.69
C MET A 178 1.38 -8.44 4.52
N GLU A 179 0.34 -9.17 4.01
CA GLU A 179 -0.38 -8.56 2.81
C GLU A 179 -1.90 -8.56 2.97
N GLY A 180 -2.48 -9.44 3.78
CA GLY A 180 -3.96 -9.62 3.70
C GLY A 180 -4.81 -8.38 3.88
N ALA A 181 -4.59 -7.59 4.91
CA ALA A 181 -5.45 -6.42 5.11
C ALA A 181 -5.17 -5.34 4.04
N ALA A 182 -3.93 -5.31 3.46
CA ALA A 182 -3.71 -4.33 2.36
C ALA A 182 -4.47 -4.75 1.12
N ILE A 183 -4.49 -6.05 0.80
CA ILE A 183 -5.33 -6.58 -0.29
CA ILE A 183 -5.33 -6.49 -0.31
C ILE A 183 -6.79 -6.17 -0.03
N ALA A 184 -7.23 -6.40 1.20
CA ALA A 184 -8.63 -6.09 1.57
C ALA A 184 -8.90 -4.61 1.44
N GLN A 185 -8.01 -3.75 1.98
CA GLN A 185 -8.29 -2.35 1.91
C GLN A 185 -8.32 -1.88 0.45
N ALA A 186 -7.41 -2.38 -0.40
CA ALA A 186 -7.38 -1.96 -1.78
C ALA A 186 -8.63 -2.51 -2.55
N ALA A 187 -8.95 -3.79 -2.36
CA ALA A 187 -10.07 -4.33 -3.12
C ALA A 187 -11.35 -3.65 -2.66
N HIS A 188 -11.49 -3.40 -1.37
CA HIS A 188 -12.71 -2.73 -0.88
C HIS A 188 -12.85 -1.31 -1.48
N THR A 189 -11.72 -0.57 -1.53
CA THR A 189 -11.71 0.81 -2.14
C THR A 189 -12.17 0.72 -3.56
N ALA A 190 -11.72 -0.32 -4.24
CA ALA A 190 -12.14 -0.56 -5.66
C ALA A 190 -13.55 -1.11 -5.83
N GLY A 191 -14.21 -1.46 -4.73
CA GLY A 191 -15.58 -1.98 -4.80
C GLY A 191 -15.69 -3.40 -5.26
N LYS A 192 -14.62 -4.24 -5.09
CA LYS A 192 -14.65 -5.60 -5.56
C LYS A 192 -14.66 -6.58 -4.39
N PRO A 193 -15.43 -7.63 -4.52
CA PRO A 193 -15.39 -8.66 -3.44
C PRO A 193 -14.03 -9.39 -3.41
N PHE A 194 -13.65 -9.72 -2.19
CA PHE A 194 -12.31 -10.42 -2.07
C PHE A 194 -12.36 -11.39 -0.91
N ILE A 195 -11.31 -12.22 -0.90
CA ILE A 195 -11.10 -13.15 0.22
C ILE A 195 -9.57 -13.42 0.29
N VAL A 196 -9.19 -13.62 1.54
CA VAL A 196 -7.79 -13.96 1.95
C VAL A 196 -7.81 -15.30 2.67
N VAL A 197 -6.91 -16.21 2.26
CA VAL A 197 -6.89 -17.57 2.81
C VAL A 197 -5.37 -17.85 3.08
N ARG A 198 -5.13 -18.56 4.20
CA ARG A 198 -3.74 -18.96 4.56
C ARG A 198 -3.69 -20.35 5.11
N ALA A 199 -2.80 -21.15 4.56
CA ALA A 199 -2.43 -22.44 5.24
C ALA A 199 -1.47 -22.18 6.38
N MET A 200 -1.68 -22.94 7.45
CA MET A 200 -0.84 -22.70 8.67
C MET A 200 0.47 -23.47 8.57
N SER A 201 1.56 -22.76 8.47
CA SER A 201 2.92 -23.32 8.30
C SER A 201 3.49 -23.76 9.61
N ASP A 202 2.88 -23.37 10.73
CA ASP A 202 3.47 -23.73 12.05
C ASP A 202 2.33 -23.56 13.04
N THR A 203 2.49 -24.09 14.24
CA THR A 203 1.54 -23.90 15.31
C THR A 203 1.96 -22.68 16.12
N ALA A 204 1.06 -22.19 17.00
CA ALA A 204 1.36 -21.00 17.81
C ALA A 204 2.57 -21.34 18.72
N ALA A 205 2.70 -22.61 19.14
CA ALA A 205 3.88 -23.01 19.95
C ALA A 205 5.15 -23.33 19.15
N HIS A 206 5.13 -23.17 17.79
CA HIS A 206 6.34 -23.46 16.99
C HIS A 206 6.80 -24.89 17.06
N ASP A 207 5.83 -25.77 16.88
CA ASP A 207 6.07 -27.23 16.87
C ASP A 207 6.67 -27.70 15.56
N ALA A 208 6.59 -26.88 14.50
CA ALA A 208 7.06 -27.38 13.19
C ALA A 208 8.55 -27.72 13.18
N ASN A 209 8.86 -28.82 12.47
CA ASN A 209 10.25 -29.18 12.26
C ASN A 209 10.59 -29.16 10.78
N ILE A 210 9.71 -28.50 10.04
CA ILE A 210 10.09 -28.18 8.70
C ILE A 210 10.02 -26.64 8.51
N THR A 211 10.90 -26.10 7.72
CA THR A 211 10.93 -24.66 7.59
C THR A 211 9.76 -24.19 6.71
N PHE A 212 9.58 -22.88 6.77
CA PHE A 212 8.43 -22.27 6.02
C PHE A 212 8.67 -22.52 4.55
N ASP A 213 9.91 -22.29 4.10
CA ASP A 213 10.12 -22.52 2.67
C ASP A 213 9.93 -23.95 2.23
N GLN A 214 10.18 -24.96 3.10
CA GLN A 214 9.89 -26.31 2.74
C GLN A 214 8.38 -26.57 2.81
N PHE A 215 7.73 -26.08 3.86
CA PHE A 215 6.26 -26.27 4.01
C PHE A 215 5.46 -25.87 2.75
N ILE A 216 5.88 -24.74 2.13
CA ILE A 216 5.05 -24.19 1.05
C ILE A 216 5.19 -24.96 -0.25
N ILE A 217 6.18 -25.86 -0.36
CA ILE A 217 6.18 -26.68 -1.57
C ILE A 217 4.94 -27.55 -1.73
N GLU A 218 4.68 -28.40 -0.76
CA GLU A 218 3.47 -29.24 -0.83
C GLU A 218 2.22 -28.45 -0.47
N ALA A 219 2.36 -27.45 0.42
CA ALA A 219 1.18 -26.65 0.74
C ALA A 219 0.75 -25.85 -0.45
N GLY A 220 1.63 -25.38 -1.32
CA GLY A 220 1.24 -24.59 -2.49
C GLY A 220 0.36 -25.45 -3.42
N LYS A 221 0.79 -26.70 -3.62
CA LYS A 221 -0.04 -27.64 -4.37
C LYS A 221 -1.39 -27.89 -3.76
N ARG A 222 -1.44 -28.11 -2.44
CA ARG A 222 -2.75 -28.31 -1.75
C ARG A 222 -3.61 -27.09 -1.96
N SER A 223 -3.01 -25.92 -1.77
CA SER A 223 -3.81 -24.69 -1.89
C SER A 223 -4.33 -24.47 -3.34
N ALA A 224 -3.54 -24.73 -4.36
CA ALA A 224 -4.01 -24.71 -5.73
C ALA A 224 -5.22 -25.62 -5.95
N GLN A 225 -5.16 -26.81 -5.35
CA GLN A 225 -6.26 -27.80 -5.56
C GLN A 225 -7.53 -27.24 -4.89
N ILE A 226 -7.40 -26.76 -3.68
CA ILE A 226 -8.60 -26.23 -2.97
C ILE A 226 -9.15 -25.05 -3.77
N LEU A 227 -8.25 -24.16 -4.25
CA LEU A 227 -8.72 -23.00 -4.98
C LEU A 227 -9.46 -23.38 -6.26
N MET A 228 -8.92 -24.38 -7.00
CA MET A 228 -9.58 -24.77 -8.23
C MET A 228 -10.96 -25.37 -7.92
N THR A 229 -11.09 -26.07 -6.82
CA THR A 229 -12.44 -26.57 -6.39
C THR A 229 -13.32 -25.38 -6.07
N PHE A 230 -12.82 -24.40 -5.34
CA PHE A 230 -13.63 -23.22 -5.08
C PHE A 230 -14.11 -22.55 -6.37
N LEU A 231 -13.21 -22.41 -7.34
CA LEU A 231 -13.58 -21.75 -8.62
C LEU A 231 -14.64 -22.59 -9.37
N GLU A 232 -14.61 -23.94 -9.26
CA GLU A 232 -15.60 -24.88 -9.93
C GLU A 232 -16.95 -24.54 -9.21
N ASN A 233 -16.92 -24.18 -7.94
CA ASN A 233 -18.15 -24.01 -7.14
C ASN A 233 -18.69 -22.56 -7.03
N LEU A 234 -17.95 -21.69 -7.73
CA LEU A 234 -18.36 -20.36 -7.81
C LEU A 234 -19.33 -20.33 -9.03
N PRO A 235 -20.50 -19.91 -8.71
CA PRO A 235 -21.53 -19.87 -9.76
C PRO A 235 -21.48 -18.74 -10.78
N VAL A 236 -22.11 -19.09 -11.93
CA VAL A 236 -22.25 -18.15 -13.06
C VAL A 236 -23.69 -17.70 -13.09
N GLY B 1 3.02 15.88 -25.32
CA GLY B 1 2.91 17.37 -25.30
C GLY B 1 4.00 18.00 -26.20
N ALA B 2 4.18 19.33 -26.16
CA ALA B 2 5.18 19.98 -27.00
C ALA B 2 6.57 19.88 -26.29
N MET B 3 7.63 19.68 -27.10
CA MET B 3 9.01 19.65 -26.53
C MET B 3 9.08 18.63 -25.36
N GLY B 4 9.73 19.06 -24.24
CA GLY B 4 9.88 18.22 -23.05
C GLY B 4 8.75 18.36 -22.02
N SER B 5 7.59 18.91 -22.43
CA SER B 5 6.43 18.85 -21.53
C SER B 5 6.24 17.43 -20.90
N MET B 6 5.97 17.40 -19.60
CA MET B 6 5.77 16.07 -18.96
C MET B 6 4.39 15.93 -18.49
N LYS B 7 3.89 14.67 -18.45
CA LYS B 7 2.69 14.35 -17.70
C LYS B 7 3.20 13.97 -16.32
N ILE B 8 2.76 14.77 -15.39
CA ILE B 8 3.16 14.67 -13.97
C ILE B 8 1.97 14.31 -13.15
N GLY B 9 2.08 13.18 -12.43
CA GLY B 9 1.01 12.77 -11.46
C GLY B 9 1.32 13.41 -10.15
N ILE B 10 0.32 14.03 -9.55
CA ILE B 10 0.52 14.64 -8.22
C ILE B 10 -0.48 14.12 -7.27
N ILE B 11 0.02 13.58 -6.15
CA ILE B 11 -0.80 12.91 -5.15
C ILE B 11 -0.79 13.70 -3.88
N ALA B 12 -1.99 14.02 -3.41
CA ALA B 12 -2.16 14.57 -2.03
C ALA B 12 -3.03 13.65 -1.28
N ALA B 13 -2.71 13.38 -0.01
CA ALA B 13 -3.60 12.47 0.72
C ALA B 13 -4.96 13.04 1.01
N MET B 14 -5.03 14.37 1.31
CA MET B 14 -6.27 14.93 1.88
C MET B 14 -6.66 16.17 1.04
N GLU B 15 -7.97 16.54 1.19
CA GLU B 15 -8.51 17.64 0.41
C GLU B 15 -7.75 18.92 0.60
N GLU B 16 -7.32 19.19 1.86
CA GLU B 16 -6.63 20.44 2.14
C GLU B 16 -5.31 20.55 1.40
N GLU B 17 -4.77 19.40 0.98
CA GLU B 17 -3.44 19.38 0.34
C GLU B 17 -3.56 19.47 -1.23
N LEU B 18 -4.80 19.30 -1.75
CA LEU B 18 -4.97 19.37 -3.20
C LEU B 18 -5.73 20.61 -3.68
N SER B 19 -6.46 21.29 -2.77
CA SER B 19 -7.43 22.36 -3.20
C SER B 19 -6.72 23.47 -3.97
N LEU B 20 -5.55 23.89 -3.52
CA LEU B 20 -4.94 25.02 -4.19
C LEU B 20 -4.44 24.59 -5.57
N LEU B 21 -3.86 23.38 -5.67
CA LEU B 21 -3.44 22.94 -7.01
C LEU B 21 -4.65 22.87 -7.97
N LEU B 22 -5.77 22.36 -7.48
N LEU B 22 -5.78 22.35 -7.47
CA LEU B 22 -6.96 22.33 -8.35
CA LEU B 22 -7.03 22.33 -8.27
C LEU B 22 -7.35 23.73 -8.82
C LEU B 22 -7.41 23.72 -8.78
N ALA B 23 -7.27 24.72 -7.90
CA ALA B 23 -7.62 26.15 -8.26
C ALA B 23 -6.66 26.68 -9.32
N ASN B 24 -5.52 26.04 -9.58
CA ASN B 24 -4.53 26.48 -10.58
C ASN B 24 -4.56 25.70 -11.87
N LEU B 25 -5.41 24.68 -11.96
CA LEU B 25 -5.32 23.77 -13.10
C LEU B 25 -6.10 24.37 -14.26
N LEU B 26 -5.44 24.53 -15.41
CA LEU B 26 -6.13 24.99 -16.64
C LEU B 26 -6.65 23.84 -17.45
N ASP B 27 -7.72 24.11 -18.20
CA ASP B 27 -8.33 23.04 -19.09
C ASP B 27 -8.59 21.78 -18.29
N ALA B 28 -9.14 21.90 -17.10
CA ALA B 28 -9.34 20.76 -16.16
C ALA B 28 -10.47 19.84 -16.62
N GLN B 29 -10.32 18.58 -16.33
CA GLN B 29 -11.32 17.57 -16.58
C GLN B 29 -11.24 16.48 -15.46
N GLU B 30 -12.41 16.16 -14.90
CA GLU B 30 -12.50 15.02 -13.92
C GLU B 30 -12.59 13.68 -14.56
N HIS B 31 -11.98 12.69 -13.94
CA HIS B 31 -12.04 11.30 -14.33
C HIS B 31 -12.26 10.42 -13.16
N GLN B 32 -13.12 9.44 -13.24
CA GLN B 32 -13.30 8.53 -12.09
C GLN B 32 -12.61 7.27 -12.44
N VAL B 33 -11.70 6.84 -11.57
CA VAL B 33 -10.98 5.57 -11.78
C VAL B 33 -10.82 4.91 -10.45
N LEU B 34 -11.29 3.66 -10.37
CA LEU B 34 -11.26 2.87 -9.10
C LEU B 34 -11.79 3.69 -7.93
N SER B 35 -12.86 4.42 -8.21
CA SER B 35 -13.57 5.15 -7.20
CA SER B 35 -13.55 5.12 -7.19
C SER B 35 -12.86 6.37 -6.65
N LYS B 36 -11.87 6.93 -7.35
CA LYS B 36 -11.23 8.16 -6.92
C LYS B 36 -11.35 9.11 -8.14
N THR B 37 -11.37 10.39 -7.79
CA THR B 37 -11.43 11.43 -8.86
C THR B 37 -10.04 11.92 -9.20
N TYR B 38 -9.69 11.81 -10.50
CA TYR B 38 -8.40 12.31 -11.00
C TYR B 38 -8.73 13.53 -11.79
N TYR B 39 -7.91 14.58 -11.72
CA TYR B 39 -8.18 15.79 -12.50
C TYR B 39 -6.99 16.00 -13.42
N THR B 40 -7.26 16.00 -14.76
CA THR B 40 -6.24 16.29 -15.74
C THR B 40 -6.31 17.77 -16.08
N GLY B 41 -5.17 18.36 -16.44
CA GLY B 41 -5.15 19.74 -16.92
C GLY B 41 -3.77 20.21 -17.09
N ARG B 42 -3.59 21.49 -17.32
CA ARG B 42 -2.30 22.11 -17.62
CA ARG B 42 -2.25 22.01 -17.54
C ARG B 42 -1.87 22.97 -16.46
N PHE B 43 -0.57 23.05 -16.24
CA PHE B 43 -0.03 24.07 -15.41
C PHE B 43 1.34 24.47 -15.95
N GLY B 44 1.50 25.78 -16.24
CA GLY B 44 2.77 26.23 -16.88
C GLY B 44 2.92 25.46 -18.18
N LYS B 45 4.10 24.87 -18.34
CA LYS B 45 4.38 24.20 -19.60
C LYS B 45 4.09 22.69 -19.49
N HIS B 46 3.50 22.17 -18.40
CA HIS B 46 3.36 20.72 -18.21
C HIS B 46 1.94 20.34 -18.09
N GLU B 47 1.69 19.04 -18.19
CA GLU B 47 0.32 18.48 -18.03
C GLU B 47 0.31 17.77 -16.65
N LEU B 48 -0.69 18.01 -15.83
CA LEU B 48 -0.75 17.42 -14.54
C LEU B 48 -1.90 16.45 -14.55
N ILE B 49 -1.78 15.47 -13.62
CA ILE B 49 -2.93 14.67 -13.22
C ILE B 49 -2.96 14.71 -11.71
N LEU B 50 -3.98 15.32 -11.15
CA LEU B 50 -4.07 15.52 -9.68
C LEU B 50 -4.96 14.48 -9.09
N VAL B 51 -4.66 13.98 -7.89
CA VAL B 51 -5.59 13.09 -7.21
C VAL B 51 -5.44 13.23 -5.68
N GLN B 52 -6.58 13.18 -5.01
CA GLN B 52 -6.61 13.06 -3.50
C GLN B 52 -6.73 11.57 -3.21
N SER B 53 -5.60 11.00 -2.77
CA SER B 53 -5.52 9.53 -2.68
C SER B 53 -6.27 8.95 -1.50
N GLY B 54 -6.33 9.73 -0.44
CA GLY B 54 -6.65 9.11 0.86
C GLY B 54 -5.34 8.83 1.60
N VAL B 55 -5.47 8.69 2.95
CA VAL B 55 -4.26 8.59 3.79
C VAL B 55 -3.65 7.22 3.79
N GLY B 56 -2.32 7.21 3.84
CA GLY B 56 -1.59 5.98 4.15
C GLY B 56 -0.95 5.24 2.98
N LYS B 57 -0.32 4.13 3.29
CA LYS B 57 0.51 3.45 2.27
C LYS B 57 -0.31 2.85 1.16
N VAL B 58 -1.41 2.16 1.51
CA VAL B 58 -2.18 1.43 0.46
C VAL B 58 -2.83 2.52 -0.41
N MET B 59 -3.52 3.52 0.17
CA MET B 59 -4.25 4.40 -0.69
C MET B 59 -3.34 5.13 -1.67
N SER B 60 -2.20 5.61 -1.18
CA SER B 60 -1.28 6.39 -1.99
C SER B 60 -0.69 5.48 -3.08
N ALA B 61 -0.28 4.25 -2.73
CA ALA B 61 0.32 3.37 -3.73
C ALA B 61 -0.66 2.98 -4.81
N MET B 62 -1.94 2.84 -4.47
CA MET B 62 -2.91 2.56 -5.59
C MET B 62 -2.86 3.68 -6.60
N THR B 63 -2.83 4.93 -6.12
CA THR B 63 -2.89 6.08 -7.07
C THR B 63 -1.63 6.15 -7.88
N VAL B 64 -0.46 5.70 -7.36
CA VAL B 64 0.71 5.71 -8.25
C VAL B 64 0.53 4.72 -9.39
N ALA B 65 0.05 3.51 -9.05
CA ALA B 65 -0.17 2.51 -10.17
C ALA B 65 -1.16 3.05 -11.21
N ILE B 66 -2.22 3.68 -10.76
CA ILE B 66 -3.21 4.17 -11.77
C ILE B 66 -2.65 5.38 -12.49
N LEU B 67 -1.95 6.30 -11.82
CA LEU B 67 -1.33 7.40 -12.54
C LEU B 67 -0.41 6.95 -13.60
N VAL B 68 0.42 5.93 -13.38
CA VAL B 68 1.36 5.47 -14.39
C VAL B 68 0.59 4.65 -15.45
N GLU B 69 -0.20 3.66 -15.03
N GLU B 69 -0.14 3.62 -15.06
CA GLU B 69 -0.81 2.71 -16.03
CA GLU B 69 -0.65 2.73 -16.15
C GLU B 69 -1.86 3.39 -16.83
C GLU B 69 -1.96 3.27 -16.83
N HIS B 70 -2.81 4.06 -16.17
CA HIS B 70 -3.97 4.63 -16.83
C HIS B 70 -3.67 6.00 -17.43
N PHE B 71 -3.06 6.87 -16.64
CA PHE B 71 -2.84 8.26 -17.09
C PHE B 71 -1.50 8.48 -17.77
N LYS B 72 -0.62 7.44 -17.85
CA LYS B 72 0.66 7.54 -18.54
C LYS B 72 1.54 8.65 -17.96
N ALA B 73 1.44 8.80 -16.60
CA ALA B 73 2.36 9.75 -15.95
C ALA B 73 3.82 9.38 -16.14
N GLN B 74 4.64 10.42 -16.31
CA GLN B 74 6.04 10.23 -16.56
C GLN B 74 6.83 10.56 -15.29
N ALA B 75 6.17 11.08 -14.26
CA ALA B 75 6.87 11.46 -12.98
C ALA B 75 5.77 11.52 -11.97
N ILE B 76 6.19 11.33 -10.70
CA ILE B 76 5.20 11.29 -9.60
C ILE B 76 5.68 12.20 -8.50
N ILE B 77 4.79 13.06 -8.02
CA ILE B 77 5.12 14.01 -6.92
C ILE B 77 4.08 13.89 -5.85
N ASN B 78 4.52 13.77 -4.60
CA ASN B 78 3.60 13.85 -3.44
C ASN B 78 3.80 15.20 -2.76
N THR B 79 2.67 15.79 -2.38
CA THR B 79 2.69 17.06 -1.64
C THR B 79 1.77 16.88 -0.42
N GLY B 80 2.08 17.66 0.64
CA GLY B 80 1.12 17.75 1.76
C GLY B 80 1.83 18.13 3.06
N SER B 81 1.19 17.70 4.15
CA SER B 81 1.58 18.05 5.52
C SER B 81 2.48 16.97 6.09
N ALA B 82 3.22 17.33 7.14
CA ALA B 82 4.02 16.35 7.83
C ALA B 82 4.27 16.86 9.25
N GLY B 83 4.80 15.96 10.06
CA GLY B 83 5.19 16.32 11.45
C GLY B 83 6.70 16.59 11.49
N ALA B 84 7.09 17.74 12.03
CA ALA B 84 8.47 18.09 12.15
C ALA B 84 9.15 17.36 13.29
N VAL B 85 10.23 16.67 13.00
CA VAL B 85 10.97 15.98 14.11
C VAL B 85 12.38 16.41 14.29
N ALA B 86 13.00 17.03 13.31
CA ALA B 86 14.39 17.54 13.47
C ALA B 86 14.37 18.77 14.36
N SER B 87 15.51 19.01 14.98
CA SER B 87 15.80 20.37 15.58
C SER B 87 15.86 21.45 14.48
N HIS B 88 15.40 22.64 14.79
CA HIS B 88 15.52 23.78 13.87
C HIS B 88 14.55 23.67 12.73
N LEU B 89 13.41 23.07 13.04
CA LEU B 89 12.33 22.88 12.04
C LEU B 89 11.01 23.16 12.77
N ALA B 90 10.26 24.13 12.24
CA ALA B 90 9.02 24.60 12.85
C ALA B 90 7.79 24.32 12.01
N ILE B 91 6.64 24.36 12.65
CA ILE B 91 5.38 24.43 11.96
C ILE B 91 5.45 25.49 10.87
N GLY B 92 5.06 25.15 9.65
CA GLY B 92 5.04 26.02 8.47
C GLY B 92 6.26 25.95 7.58
N ASP B 93 7.34 25.37 8.09
CA ASP B 93 8.57 25.17 7.30
C ASP B 93 8.32 24.05 6.28
N VAL B 94 9.03 24.14 5.17
CA VAL B 94 9.00 23.15 4.10
C VAL B 94 10.20 22.21 4.17
N VAL B 95 9.92 20.91 3.98
CA VAL B 95 11.01 19.89 3.76
C VAL B 95 10.72 19.33 2.38
N VAL B 96 11.77 19.35 1.55
CA VAL B 96 11.75 18.59 0.31
C VAL B 96 12.66 17.39 0.58
N ALA B 97 12.10 16.20 0.34
CA ALA B 97 12.85 14.99 0.56
C ALA B 97 13.87 14.80 -0.53
N ASP B 98 15.13 14.53 -0.18
CA ASP B 98 16.00 13.91 -1.22
C ASP B 98 16.03 12.40 -1.15
N ARG B 99 15.60 11.82 -0.01
CA ARG B 99 15.48 10.37 0.12
C ARG B 99 14.25 10.17 1.04
N LEU B 100 13.65 8.97 0.87
CA LEU B 100 12.51 8.49 1.71
C LEU B 100 12.90 7.18 2.34
N VAL B 101 12.42 6.94 3.56
CA VAL B 101 12.62 5.65 4.20
C VAL B 101 11.40 5.28 5.01
N TYR B 102 11.14 4.00 5.19
CA TYR B 102 10.09 3.64 6.17
C TYR B 102 10.64 3.57 7.58
N HIS B 103 9.89 4.15 8.52
CA HIS B 103 10.34 4.01 9.93
C HIS B 103 9.65 2.89 10.61
N ASP B 104 8.63 2.22 10.01
CA ASP B 104 7.81 1.22 10.70
C ASP B 104 7.95 -0.17 10.07
N VAL B 105 8.92 -0.42 9.19
CA VAL B 105 9.10 -1.70 8.56
C VAL B 105 10.22 -2.46 9.25
N ASP B 106 9.82 -3.66 9.72
CA ASP B 106 10.84 -4.54 10.35
C ASP B 106 10.75 -5.93 9.72
N ALA B 107 11.62 -6.16 8.72
CA ALA B 107 11.87 -7.48 8.15
C ALA B 107 13.29 -7.92 8.48
N THR B 108 13.79 -7.46 9.63
CA THR B 108 15.17 -7.84 10.06
C THR B 108 15.28 -9.34 10.32
N ALA B 109 14.19 -10.01 10.63
CA ALA B 109 14.24 -11.47 10.87
C ALA B 109 14.70 -12.20 9.57
N PHE B 110 14.44 -11.62 8.39
CA PHE B 110 14.88 -12.19 7.10
C PHE B 110 16.21 -11.58 6.64
N GLY B 111 16.91 -10.87 7.50
CA GLY B 111 18.29 -10.30 7.26
C GLY B 111 18.27 -8.99 6.49
N TYR B 112 17.12 -8.33 6.42
CA TYR B 112 17.10 -6.97 5.88
C TYR B 112 17.47 -5.87 6.88
N ALA B 113 17.81 -4.66 6.40
CA ALA B 113 18.12 -3.58 7.29
C ALA B 113 16.82 -3.13 7.98
N TYR B 114 16.87 -2.61 9.22
CA TYR B 114 15.68 -2.03 9.78
C TYR B 114 15.15 -0.91 8.83
N GLY B 115 13.81 -0.95 8.57
CA GLY B 115 13.20 0.02 7.66
C GLY B 115 13.09 -0.49 6.26
N GLN B 116 13.83 -1.54 5.87
CA GLN B 116 13.89 -1.96 4.45
C GLN B 116 12.84 -3.00 4.17
N MET B 117 11.96 -2.68 3.22
CA MET B 117 11.01 -3.74 2.76
C MET B 117 11.75 -4.83 1.92
N ALA B 118 11.29 -6.10 2.10
CA ALA B 118 11.89 -7.17 1.34
C ALA B 118 11.73 -6.83 -0.16
N GLY B 119 12.73 -7.09 -0.96
CA GLY B 119 12.73 -6.84 -2.38
C GLY B 119 12.87 -5.43 -2.78
N GLN B 120 13.24 -4.56 -1.84
CA GLN B 120 13.42 -3.14 -2.14
C GLN B 120 14.69 -2.59 -1.52
N PRO B 121 15.16 -1.45 -1.98
CA PRO B 121 16.24 -0.70 -1.30
C PRO B 121 15.73 -0.17 0.05
N LEU B 122 16.66 0.09 0.99
CA LEU B 122 16.27 0.75 2.27
C LEU B 122 15.82 2.20 1.94
N TYR B 123 16.63 2.96 1.22
CA TYR B 123 16.31 4.35 0.91
C TYR B 123 15.87 4.47 -0.49
N TYR B 124 14.78 5.23 -0.66
CA TYR B 124 14.33 5.53 -2.03
C TYR B 124 14.86 6.94 -2.38
N ASP B 125 15.62 7.03 -3.47
CA ASP B 125 16.26 8.31 -3.82
C ASP B 125 15.41 9.14 -4.78
N CYS B 126 15.04 10.33 -4.25
CA CYS B 126 14.27 11.24 -5.11
C CYS B 126 15.08 11.66 -6.33
N ASP B 127 14.35 11.95 -7.41
CA ASP B 127 15.11 12.25 -8.61
C ASP B 127 16.07 13.43 -8.41
N PRO B 128 17.36 13.28 -8.84
CA PRO B 128 18.31 14.33 -8.51
C PRO B 128 18.06 15.66 -9.29
N GLN B 129 17.49 15.55 -10.49
CA GLN B 129 16.98 16.69 -11.26
CA GLN B 129 17.17 16.85 -11.07
C GLN B 129 15.97 17.52 -10.45
N PHE B 130 14.97 16.77 -10.01
CA PHE B 130 13.94 17.47 -9.22
C PHE B 130 14.46 18.01 -7.89
N VAL B 131 15.36 17.26 -7.20
CA VAL B 131 15.88 17.81 -5.98
C VAL B 131 16.62 19.11 -6.22
N ALA B 132 17.45 19.12 -7.27
CA ALA B 132 18.22 20.36 -7.52
C ALA B 132 17.33 21.58 -7.81
N ILE B 133 16.28 21.36 -8.56
CA ILE B 133 15.33 22.48 -8.83
C ILE B 133 14.62 22.93 -7.58
N PHE B 134 14.10 21.96 -6.80
CA PHE B 134 13.42 22.36 -5.53
C PHE B 134 14.44 23.01 -4.59
N LYS B 135 15.73 22.57 -4.57
CA LYS B 135 16.72 23.15 -3.64
C LYS B 135 16.86 24.63 -3.99
N GLN B 136 16.81 24.95 -5.32
CA GLN B 136 16.96 26.32 -5.74
C GLN B 136 15.67 27.14 -5.41
N VAL B 137 14.49 26.56 -5.54
CA VAL B 137 13.28 27.23 -5.07
C VAL B 137 13.35 27.60 -3.60
N LEU B 138 13.78 26.65 -2.75
CA LEU B 138 13.86 26.96 -1.32
C LEU B 138 14.87 28.04 -1.10
N LYS B 139 16.02 27.97 -1.81
CA LYS B 139 17.08 28.94 -1.60
C LYS B 139 16.53 30.33 -1.89
N HIS B 140 15.80 30.47 -2.99
CA HIS B 140 15.34 31.78 -3.48
C HIS B 140 14.31 32.38 -2.53
N GLU B 141 13.66 31.56 -1.70
CA GLU B 141 12.66 32.03 -0.77
C GLU B 141 13.30 32.58 0.48
N LYS B 142 14.51 32.14 0.78
CA LYS B 142 15.36 32.83 1.73
C LYS B 142 14.76 32.71 3.15
N THR B 143 14.11 31.57 3.41
CA THR B 143 13.63 31.27 4.78
C THR B 143 14.25 29.97 5.33
N ASN B 144 13.41 29.09 5.89
CA ASN B 144 14.03 27.96 6.61
C ASN B 144 13.67 26.60 5.93
N GLY B 145 13.34 26.63 4.65
CA GLY B 145 13.06 25.33 3.95
C GLY B 145 14.32 24.50 3.88
N GLN B 146 14.13 23.18 4.03
CA GLN B 146 15.28 22.26 4.06
C GLN B 146 15.12 21.14 3.07
N VAL B 147 16.23 20.57 2.65
CA VAL B 147 16.24 19.29 1.85
C VAL B 147 16.84 18.19 2.71
N GLY B 148 16.17 17.04 2.80
CA GLY B 148 16.77 15.93 3.52
C GLY B 148 15.84 14.73 3.61
N LEU B 149 16.02 13.92 4.61
CA LEU B 149 15.32 12.66 4.78
C LEU B 149 13.96 12.85 5.42
N ILE B 150 12.95 12.27 4.71
CA ILE B 150 11.60 12.14 5.31
C ILE B 150 11.36 10.65 5.54
N ALA B 151 10.78 10.35 6.73
CA ALA B 151 10.45 8.95 7.06
C ALA B 151 8.92 8.75 7.07
N THR B 152 8.50 7.58 6.63
CA THR B 152 7.06 7.28 6.47
C THR B 152 6.71 6.05 7.26
N GLY B 153 5.48 6.06 7.76
CA GLY B 153 4.88 4.86 8.30
C GLY B 153 3.37 4.98 8.32
N ASP B 154 2.65 3.86 8.53
CA ASP B 154 1.18 3.89 8.57
C ASP B 154 0.68 4.32 9.97
N SER B 155 1.33 5.32 10.57
CA SER B 155 0.87 5.87 11.87
C SER B 155 1.02 7.38 11.85
N PHE B 156 0.10 8.06 12.58
CA PHE B 156 0.22 9.47 12.79
C PHE B 156 1.08 9.62 14.05
N VAL B 157 2.23 10.24 13.92
CA VAL B 157 3.25 10.27 15.00
C VAL B 157 2.87 11.40 15.97
N ALA B 158 2.59 10.99 17.25
CA ALA B 158 2.14 11.95 18.26
C ALA B 158 2.59 11.47 19.61
N GLY B 159 3.80 11.88 19.93
CA GLY B 159 4.38 11.51 21.24
C GLY B 159 5.89 11.42 21.13
N GLN B 160 6.57 11.81 22.23
CA GLN B 160 8.01 11.77 22.29
C GLN B 160 8.52 10.38 22.15
N ASP B 161 7.79 9.37 22.69
CA ASP B 161 8.32 8.00 22.55
C ASP B 161 8.47 7.59 21.10
N LYS B 162 7.45 7.87 20.25
N LYS B 162 7.42 7.99 20.34
CA LYS B 162 7.62 7.40 18.85
CA LYS B 162 7.31 7.67 18.93
C LYS B 162 8.62 8.34 18.06
C LYS B 162 8.46 8.35 18.14
N ILE B 163 8.65 9.66 18.40
CA ILE B 163 9.76 10.47 17.84
C ILE B 163 11.13 9.85 18.17
N ASP B 164 11.31 9.46 19.48
CA ASP B 164 12.61 8.94 19.84
C ASP B 164 12.93 7.63 19.13
N GLN B 165 11.92 6.75 18.98
CA GLN B 165 12.17 5.51 18.26
C GLN B 165 12.62 5.80 16.80
N ILE B 166 11.92 6.73 16.19
CA ILE B 166 12.27 7.07 14.80
C ILE B 166 13.65 7.71 14.65
N LYS B 167 13.94 8.67 15.50
CA LYS B 167 15.26 9.30 15.41
C LYS B 167 16.36 8.36 15.86
N THR B 168 16.11 7.42 16.74
CA THR B 168 17.16 6.40 17.06
C THR B 168 17.48 5.58 15.81
N ALA B 169 16.44 5.22 15.06
CA ALA B 169 16.58 4.38 13.86
C ALA B 169 17.24 5.15 12.72
N PHE B 170 16.90 6.45 12.64
CA PHE B 170 17.34 7.30 11.51
C PHE B 170 17.63 8.68 12.06
N SER B 171 18.87 8.92 12.46
CA SER B 171 19.12 10.14 13.20
C SER B 171 18.98 11.43 12.41
N ASN B 172 19.08 11.34 11.07
CA ASN B 172 18.94 12.54 10.23
C ASN B 172 17.54 12.74 9.74
N VAL B 173 16.52 12.03 10.25
CA VAL B 173 15.14 12.33 9.77
C VAL B 173 14.72 13.77 10.10
N LEU B 174 14.08 14.40 9.10
CA LEU B 174 13.57 15.77 9.27
C LEU B 174 12.11 15.77 9.65
N ALA B 175 11.30 14.94 8.98
CA ALA B 175 9.88 15.03 9.15
C ALA B 175 9.30 13.64 8.93
N VAL B 176 8.07 13.47 9.45
CA VAL B 176 7.41 12.17 9.32
C VAL B 176 6.02 12.32 8.70
N GLU B 177 5.67 11.33 7.92
CA GLU B 177 4.33 11.35 7.29
C GLU B 177 3.92 9.92 6.92
N MET B 178 2.79 9.78 6.21
CA MET B 178 2.14 8.46 6.02
C MET B 178 2.08 8.01 4.57
N GLU B 179 2.65 8.78 3.67
CA GLU B 179 2.61 8.38 2.23
C GLU B 179 3.96 8.47 1.49
N GLY B 180 4.94 9.32 1.92
CA GLY B 180 6.03 9.66 0.96
C GLY B 180 6.81 8.41 0.54
N ALA B 181 7.21 7.53 1.48
CA ALA B 181 8.03 6.35 1.09
C ALA B 181 7.17 5.34 0.35
N ALA B 182 5.86 5.31 0.55
CA ALA B 182 4.98 4.42 -0.18
C ALA B 182 4.90 4.86 -1.65
N ILE B 183 4.74 6.18 -1.83
CA ILE B 183 4.66 6.67 -3.20
C ILE B 183 6.04 6.48 -3.86
N ALA B 184 7.13 6.69 -3.09
CA ALA B 184 8.50 6.52 -3.65
C ALA B 184 8.68 5.01 -4.04
N GLN B 185 8.32 4.12 -3.11
CA GLN B 185 8.47 2.67 -3.43
C GLN B 185 7.67 2.34 -4.71
N ALA B 186 6.42 2.79 -4.78
CA ALA B 186 5.60 2.45 -5.98
C ALA B 186 6.20 3.05 -7.24
N ALA B 187 6.59 4.33 -7.22
CA ALA B 187 7.10 4.99 -8.44
C ALA B 187 8.47 4.33 -8.78
N HIS B 188 9.30 3.98 -7.78
CA HIS B 188 10.56 3.31 -8.07
C HIS B 188 10.31 1.98 -8.79
N THR B 189 9.33 1.18 -8.31
CA THR B 189 9.03 -0.10 -8.98
C THR B 189 8.50 0.09 -10.39
N ALA B 190 7.85 1.23 -10.62
CA ALA B 190 7.34 1.55 -11.99
C ALA B 190 8.42 2.17 -12.87
N GLY B 191 9.56 2.52 -12.31
CA GLY B 191 10.62 3.13 -13.06
C GLY B 191 10.45 4.59 -13.38
N LYS B 192 9.68 5.33 -12.58
CA LYS B 192 9.45 6.71 -12.91
C LYS B 192 10.07 7.62 -11.81
N PRO B 193 10.59 8.78 -12.19
CA PRO B 193 11.20 9.71 -11.21
C PRO B 193 10.15 10.24 -10.25
N PHE B 194 10.59 10.51 -9.05
CA PHE B 194 9.62 11.02 -8.05
C PHE B 194 10.35 11.98 -7.09
N ILE B 195 9.48 12.70 -6.39
CA ILE B 195 9.97 13.48 -5.25
C ILE B 195 8.77 13.73 -4.33
N VAL B 196 9.11 14.05 -3.06
CA VAL B 196 8.10 14.38 -2.05
C VAL B 196 8.44 15.75 -1.50
N VAL B 197 7.41 16.60 -1.38
CA VAL B 197 7.57 17.88 -0.71
C VAL B 197 6.49 18.00 0.38
N ARG B 198 6.89 18.47 1.56
CA ARG B 198 5.93 18.59 2.67
C ARG B 198 6.08 19.92 3.39
N ALA B 199 4.98 20.41 4.00
CA ALA B 199 5.10 21.53 4.93
C ALA B 199 4.61 21.06 6.27
N MET B 200 5.28 21.62 7.30
CA MET B 200 5.04 21.01 8.62
C MET B 200 3.70 21.54 9.20
N SER B 201 2.84 20.61 9.65
CA SER B 201 1.56 20.96 10.30
C SER B 201 1.71 20.87 11.79
N ASP B 202 2.74 20.23 12.31
CA ASP B 202 2.82 19.97 13.77
C ASP B 202 4.26 19.53 14.05
N THR B 203 4.54 19.26 15.35
CA THR B 203 5.84 18.74 15.74
C THR B 203 5.74 17.31 16.28
N ALA B 204 4.66 16.59 15.98
CA ALA B 204 4.50 15.14 16.30
C ALA B 204 4.54 14.95 17.79
N ALA B 205 4.12 15.95 18.56
CA ALA B 205 4.06 15.82 20.04
C ALA B 205 2.85 15.02 20.49
N HIS B 206 2.70 14.72 21.79
CA HIS B 206 1.63 13.88 22.23
C HIS B 206 0.21 14.34 21.84
N ASP B 207 0.06 15.68 21.73
CA ASP B 207 -1.18 16.28 21.32
C ASP B 207 -1.11 16.86 19.89
N ALA B 208 -0.32 16.18 19.02
CA ALA B 208 -0.15 16.68 17.67
C ALA B 208 -1.44 16.71 16.85
N ASN B 209 -2.44 15.96 17.21
CA ASN B 209 -3.69 16.06 16.50
C ASN B 209 -4.31 17.47 16.62
N ILE B 210 -4.22 18.08 17.82
CA ILE B 210 -4.81 19.36 17.99
C ILE B 210 -4.07 20.34 17.07
N THR B 211 -2.73 20.29 17.08
CA THR B 211 -1.92 21.23 16.23
C THR B 211 -2.17 20.97 14.74
N PHE B 212 -2.17 19.67 14.34
CA PHE B 212 -2.49 19.35 12.95
C PHE B 212 -3.82 19.96 12.56
N ASP B 213 -4.84 19.82 13.42
CA ASP B 213 -6.13 20.40 13.00
C ASP B 213 -6.01 21.90 12.86
N GLN B 214 -5.19 22.59 13.65
CA GLN B 214 -5.05 24.04 13.49
C GLN B 214 -4.39 24.42 12.16
N PHE B 215 -3.43 23.61 11.71
CA PHE B 215 -2.49 24.03 10.67
C PHE B 215 -2.56 23.25 9.37
N ILE B 216 -3.46 22.26 9.28
CA ILE B 216 -3.52 21.50 8.05
C ILE B 216 -3.87 22.36 6.85
N ILE B 217 -4.79 23.30 6.97
CA ILE B 217 -5.09 24.13 5.78
C ILE B 217 -3.81 24.88 5.31
N GLU B 218 -3.09 25.47 6.25
CA GLU B 218 -1.87 26.23 5.89
C GLU B 218 -0.75 25.34 5.33
N ALA B 219 -0.58 24.13 5.94
CA ALA B 219 0.46 23.23 5.52
C ALA B 219 0.15 22.76 4.10
N GLY B 220 -1.08 22.41 3.79
CA GLY B 220 -1.42 22.00 2.39
C GLY B 220 -1.11 23.10 1.39
N LYS B 221 -1.46 24.31 1.80
CA LYS B 221 -1.32 25.50 0.96
CA LYS B 221 -1.31 25.49 0.94
C LYS B 221 0.17 25.73 0.69
N ARG B 222 0.99 25.71 1.73
CA ARG B 222 2.41 26.06 1.60
C ARG B 222 3.16 25.02 0.76
N SER B 223 2.86 23.74 0.99
CA SER B 223 3.54 22.70 0.19
C SER B 223 3.16 22.90 -1.28
N ALA B 224 1.89 23.14 -1.55
CA ALA B 224 1.42 23.33 -2.94
C ALA B 224 2.08 24.56 -3.59
N GLN B 225 2.29 25.64 -2.85
CA GLN B 225 2.92 26.83 -3.44
C GLN B 225 4.35 26.52 -3.87
N ILE B 226 5.08 25.80 -3.05
CA ILE B 226 6.48 25.47 -3.40
C ILE B 226 6.47 24.57 -4.66
N LEU B 227 5.57 23.58 -4.67
CA LEU B 227 5.48 22.64 -5.77
C LEU B 227 5.22 23.47 -7.07
N MET B 228 4.30 24.43 -7.02
CA MET B 228 4.01 25.20 -8.24
C MET B 228 5.24 25.98 -8.71
N THR B 229 6.00 26.59 -7.81
CA THR B 229 7.24 27.23 -8.25
C THR B 229 8.18 26.21 -8.89
N PHE B 230 8.32 25.02 -8.28
CA PHE B 230 9.09 23.98 -8.98
C PHE B 230 8.54 23.76 -10.39
N LEU B 231 7.23 23.59 -10.58
CA LEU B 231 6.70 23.30 -11.94
C LEU B 231 7.01 24.44 -12.93
N GLU B 232 7.08 25.67 -12.41
CA GLU B 232 7.42 26.81 -13.29
C GLU B 232 8.89 26.73 -13.71
N ASN B 233 9.73 26.10 -12.91
CA ASN B 233 11.19 26.06 -13.12
CA ASN B 233 11.17 26.04 -13.19
C ASN B 233 11.65 24.74 -13.78
N LEU B 234 10.69 23.84 -14.06
CA LEU B 234 11.04 22.53 -14.65
C LEU B 234 10.99 22.76 -16.16
N PRO B 235 12.17 22.68 -16.84
CA PRO B 235 12.21 23.10 -18.23
C PRO B 235 11.64 22.09 -19.21
N VAL B 236 11.46 22.51 -20.45
CA VAL B 236 10.95 21.65 -21.54
C VAL B 236 11.84 21.69 -22.77
CS MTA C . -4.89 12.21 9.12
S5' MTA C . -3.45 11.12 9.23
C5' MTA C . -2.11 12.26 8.97
C4' MTA C . -2.04 12.76 7.47
O4' MTA C . -1.21 13.95 7.44
C2' MTA C . 0.14 12.17 6.86
O2' MTA C . 1.01 11.86 5.73
C3' MTA C . -1.33 11.78 6.61
O3' MTA C . -1.72 11.94 5.22
C1' MTA C . 0.21 13.65 7.20
N9 MTA C . 0.86 13.94 8.50
C8 MTA C . 0.86 15.26 8.95
N7 MTA C . 1.44 15.35 10.22
C5 MTA C . 1.79 14.01 10.54
C6 MTA C . 2.39 13.35 11.68
N6 MTA C . 2.74 14.00 12.83
N1 MTA C . 2.59 12.03 11.61
C2 MTA C . 2.26 11.28 10.56
N3 MTA C . 1.72 11.80 9.44
C4 MTA C . 1.47 13.13 9.43
#